data_5Z6D
#
_entry.id   5Z6D
#
_cell.length_a   46.319
_cell.length_b   40.168
_cell.length_c   103.542
_cell.angle_alpha   90.00
_cell.angle_beta   96.81
_cell.angle_gamma   90.00
#
_symmetry.space_group_name_H-M   'P 1 21 1'
#
loop_
_entity.id
_entity.type
_entity.pdbx_description
1 polymer 'DUF1881 domain-containing protein'
2 water water
#
_entity_poly.entity_id   1
_entity_poly.type   'polypeptide(L)'
_entity_poly.pdbx_seq_one_letter_code
;MAPSVDPTKVIFYQKKNFEGSGDTYAVGQDVSVPGSLNDKYFSVAVGASAKVIAWQHYNETGHYREWTTSQADISDIGGL
SRFRVVDDDTRAISFLFKDATGGADKQYSLKVDARDVGTVMLYSNDGDEYGLVGIMPEGGPPVTTAVYVRDEHSGVYIAV
GSVYFEWNKDNGEVDVVENEHWPKQLKSKRTGKSSFEVTLVDNKPSELEHHHHHH
;
_entity_poly.pdbx_strand_id   A,B
#
# COMPACT_ATOMS: atom_id res chain seq x y z
N PRO A 3 -4.72 -22.01 5.52
CA PRO A 3 -3.99 -22.41 6.73
C PRO A 3 -4.47 -21.66 7.97
N SER A 4 -3.51 -21.14 8.75
CA SER A 4 -3.81 -20.37 9.93
C SER A 4 -2.77 -19.25 10.06
N VAL A 5 -3.17 -18.03 9.73
CA VAL A 5 -2.19 -16.95 9.61
C VAL A 5 -2.40 -15.84 10.64
N ASP A 6 -1.38 -14.98 10.76
CA ASP A 6 -1.45 -13.76 11.56
C ASP A 6 -2.75 -13.03 11.23
N PRO A 7 -3.56 -12.74 12.25
CA PRO A 7 -4.92 -12.22 12.03
C PRO A 7 -4.99 -10.87 11.31
N THR A 8 -3.90 -10.12 11.26
CA THR A 8 -3.90 -8.85 10.56
C THR A 8 -3.07 -8.93 9.28
N LYS A 9 -2.85 -10.16 8.82
CA LYS A 9 -2.07 -10.37 7.61
C LYS A 9 -2.90 -11.19 6.62
N VAL A 10 -2.46 -11.21 5.37
CA VAL A 10 -3.03 -12.10 4.37
C VAL A 10 -1.83 -12.67 3.63
N ILE A 11 -1.96 -13.89 3.13
CA ILE A 11 -0.89 -14.45 2.34
C ILE A 11 -1.41 -14.83 0.98
N PHE A 12 -0.76 -14.31 -0.05
CA PHE A 12 -1.12 -14.67 -1.41
C PHE A 12 -0.21 -15.79 -1.88
N TYR A 13 -0.79 -16.79 -2.50
CA TYR A 13 -0.01 -17.90 -2.96
C TYR A 13 -0.01 -17.96 -4.48
N GLN A 14 1.15 -18.35 -4.99
CA GLN A 14 1.41 -18.56 -6.40
C GLN A 14 0.59 -19.71 -7.00
N LYS A 15 0.29 -20.73 -6.20
CA LYS A 15 -0.55 -21.82 -6.69
C LYS A 15 -1.89 -21.85 -5.97
N LYS A 16 -2.83 -22.62 -6.50
CA LYS A 16 -4.14 -22.78 -5.86
C LYS A 16 -4.01 -23.58 -4.56
N ASN A 17 -5.04 -23.53 -3.73
CA ASN A 17 -5.11 -24.27 -2.48
C ASN A 17 -3.93 -24.03 -1.53
N PHE A 18 -3.42 -22.80 -1.53
CA PHE A 18 -2.46 -22.32 -0.52
C PHE A 18 -1.12 -23.05 -0.55
N GLU A 19 -0.69 -23.48 -1.72
CA GLU A 19 0.56 -24.24 -1.81
C GLU A 19 1.67 -23.34 -2.34
N GLY A 20 2.91 -23.67 -1.98
CA GLY A 20 4.04 -22.78 -2.25
C GLY A 20 4.30 -21.86 -1.07
N SER A 21 5.32 -21.01 -1.20
CA SER A 21 5.78 -20.19 -0.09
C SER A 21 4.83 -19.04 0.29
N GLY A 22 4.32 -18.35 -0.73
CA GLY A 22 3.40 -17.24 -0.49
C GLY A 22 4.06 -15.92 -0.12
N ASP A 23 3.42 -14.84 -0.56
CA ASP A 23 3.82 -13.47 -0.23
C ASP A 23 2.86 -12.88 0.81
N THR A 24 3.42 -12.44 1.94
CA THR A 24 2.60 -11.92 3.03
C THR A 24 2.40 -10.41 2.91
N TYR A 25 1.16 -9.96 3.19
CA TYR A 25 0.81 -8.54 3.17
C TYR A 25 0.06 -8.14 4.45
N ALA A 26 0.29 -6.91 4.93
CA ALA A 26 -0.30 -6.47 6.19
C ALA A 26 -1.43 -5.46 5.99
N VAL A 27 -2.29 -5.34 7.00
CA VAL A 27 -3.34 -4.32 6.99
C VAL A 27 -2.71 -2.96 6.77
N GLY A 28 -3.31 -2.18 5.87
CA GLY A 28 -2.72 -0.91 5.47
C GLY A 28 -1.97 -0.92 4.14
N GLN A 29 -1.62 -2.10 3.64
CA GLN A 29 -0.94 -2.16 2.36
C GLN A 29 -1.88 -2.05 1.19
N ASP A 30 -1.47 -1.23 0.25
CA ASP A 30 -2.20 -0.99 -0.98
C ASP A 30 -1.23 -1.34 -2.10
N VAL A 31 -1.61 -2.31 -2.92
CA VAL A 31 -0.70 -2.90 -3.89
C VAL A 31 -1.29 -2.88 -5.30
N SER A 32 -0.52 -2.34 -6.23
CA SER A 32 -0.89 -2.32 -7.64
C SER A 32 0.13 -3.09 -8.46
N VAL A 33 -0.37 -3.90 -9.38
CA VAL A 33 0.49 -4.75 -10.21
C VAL A 33 0.33 -4.34 -11.66
N PRO A 34 1.35 -4.62 -12.49
CA PRO A 34 1.34 -4.17 -13.89
C PRO A 34 0.25 -4.81 -14.75
N GLY A 35 -0.04 -6.09 -14.51
CA GLY A 35 -1.03 -6.79 -15.32
C GLY A 35 -2.32 -7.07 -14.57
N SER A 36 -2.48 -8.31 -14.12
CA SER A 36 -3.56 -8.64 -13.21
C SER A 36 -2.97 -9.38 -12.02
N LEU A 37 -3.74 -9.47 -10.94
CA LEU A 37 -3.26 -10.14 -9.74
C LEU A 37 -2.93 -11.62 -9.98
N ASN A 38 -3.60 -12.21 -10.95
CA ASN A 38 -3.40 -13.63 -11.26
C ASN A 38 -2.09 -13.96 -11.98
N ASP A 39 -1.33 -12.94 -12.35
CA ASP A 39 -0.04 -13.15 -12.97
C ASP A 39 0.95 -13.65 -11.92
N LYS A 40 0.58 -13.45 -10.66
CA LYS A 40 1.39 -13.93 -9.54
C LYS A 40 0.60 -14.90 -8.65
N TYR A 41 -0.68 -14.60 -8.42
CA TYR A 41 -1.41 -15.24 -7.32
C TYR A 41 -2.64 -16.01 -7.73
N PHE A 42 -2.75 -17.22 -7.19
CA PHE A 42 -3.86 -18.12 -7.46
C PHE A 42 -4.68 -18.46 -6.22
N SER A 43 -4.17 -18.16 -5.04
CA SER A 43 -5.03 -18.34 -3.85
C SER A 43 -4.66 -17.35 -2.77
N VAL A 44 -5.49 -17.22 -1.75
CA VAL A 44 -5.19 -16.24 -0.69
C VAL A 44 -5.74 -16.69 0.67
N ALA A 45 -4.86 -16.73 1.65
CA ALA A 45 -5.26 -16.96 3.03
C ALA A 45 -5.49 -15.64 3.72
N VAL A 46 -6.62 -15.52 4.39
CA VAL A 46 -6.99 -14.25 5.01
C VAL A 46 -7.05 -14.38 6.51
N GLY A 47 -6.28 -13.55 7.18
CA GLY A 47 -6.27 -13.52 8.63
C GLY A 47 -7.65 -13.22 9.18
N ALA A 48 -7.88 -13.63 10.42
CA ALA A 48 -9.19 -13.52 11.05
C ALA A 48 -9.69 -12.08 11.24
N SER A 49 -8.77 -11.12 11.27
CA SER A 49 -9.15 -9.72 11.47
C SER A 49 -8.85 -8.90 10.23
N ALA A 50 -8.49 -9.60 9.15
CA ALA A 50 -8.15 -8.94 7.90
C ALA A 50 -9.23 -9.17 6.85
N LYS A 51 -9.11 -8.44 5.76
CA LYS A 51 -10.01 -8.55 4.64
C LYS A 51 -9.28 -7.94 3.45
N VAL A 52 -9.52 -8.46 2.24
CA VAL A 52 -8.92 -7.86 1.05
C VAL A 52 -9.99 -7.26 0.19
N ILE A 53 -9.78 -6.01 -0.22
CA ILE A 53 -10.61 -5.41 -1.26
C ILE A 53 -9.77 -5.30 -2.51
N ALA A 54 -10.18 -5.95 -3.59
CA ALA A 54 -9.41 -5.97 -4.85
C ALA A 54 -10.23 -5.33 -5.98
N TRP A 55 -9.58 -4.52 -6.83
CA TRP A 55 -10.33 -3.87 -7.88
C TRP A 55 -9.45 -3.57 -9.09
N GLN A 56 -10.05 -2.87 -10.04
CA GLN A 56 -9.43 -2.64 -11.33
C GLN A 56 -8.96 -1.19 -11.44
N HIS A 57 -7.65 -0.99 -11.47
CA HIS A 57 -7.17 0.40 -11.51
C HIS A 57 -6.73 0.81 -12.91
N TYR A 58 -6.90 -0.09 -13.89
CA TYR A 58 -6.56 0.24 -15.28
C TYR A 58 -7.79 0.64 -16.09
N ASN A 59 -8.94 0.73 -15.45
CA ASN A 59 -10.11 1.28 -16.11
C ASN A 59 -11.07 1.88 -15.09
N GLU A 60 -12.20 2.36 -15.57
CA GLU A 60 -13.14 3.05 -14.70
C GLU A 60 -14.41 2.25 -14.46
N THR A 61 -14.34 0.93 -14.60
CA THR A 61 -15.53 0.10 -14.44
C THR A 61 -16.02 0.00 -12.99
N GLY A 62 -15.08 0.13 -12.05
CA GLY A 62 -15.38 -0.08 -10.64
C GLY A 62 -15.47 -1.54 -10.23
N HIS A 63 -15.15 -2.45 -11.15
CA HIS A 63 -15.28 -3.87 -10.84
C HIS A 63 -14.41 -4.26 -9.65
N TYR A 64 -14.95 -5.06 -8.74
CA TYR A 64 -14.16 -5.40 -7.56
C TYR A 64 -14.60 -6.73 -6.97
N ARG A 65 -13.75 -7.26 -6.10
CA ARG A 65 -14.09 -8.41 -5.28
C ARG A 65 -13.64 -8.15 -3.85
N GLU A 66 -14.35 -8.74 -2.89
CA GLU A 66 -13.92 -8.74 -1.51
C GLU A 66 -13.59 -10.16 -1.09
N TRP A 67 -12.41 -10.36 -0.51
CA TRP A 67 -12.08 -11.67 0.05
C TRP A 67 -12.04 -11.53 1.57
N THR A 68 -13.06 -12.07 2.22
CA THR A 68 -13.24 -11.90 3.66
C THR A 68 -12.77 -13.14 4.40
N THR A 69 -12.64 -14.24 3.67
CA THR A 69 -12.11 -15.48 4.23
C THR A 69 -11.18 -16.11 3.21
N SER A 70 -10.39 -17.07 3.66
CA SER A 70 -9.40 -17.70 2.78
C SER A 70 -10.06 -18.32 1.56
N GLN A 71 -9.53 -18.01 0.37
CA GLN A 71 -10.06 -18.53 -0.89
C GLN A 71 -9.05 -19.45 -1.57
N ALA A 72 -9.44 -20.68 -1.84
CA ALA A 72 -8.46 -21.64 -2.39
C ALA A 72 -8.25 -21.46 -3.90
N ASP A 73 -9.09 -20.62 -4.53
CA ASP A 73 -8.96 -20.36 -5.96
C ASP A 73 -9.42 -18.95 -6.32
N ILE A 74 -8.48 -18.07 -6.64
CA ILE A 74 -8.83 -16.73 -7.15
C ILE A 74 -8.34 -16.50 -8.57
N SER A 75 -8.23 -17.58 -9.35
CA SER A 75 -7.72 -17.49 -10.72
C SER A 75 -8.69 -16.88 -11.72
N ASP A 76 -9.96 -16.72 -11.33
CA ASP A 76 -10.99 -16.25 -12.23
C ASP A 76 -11.78 -15.11 -11.60
N ILE A 77 -11.20 -13.91 -11.62
CA ILE A 77 -11.79 -12.81 -10.85
C ILE A 77 -11.92 -11.56 -11.70
N GLY A 78 -11.74 -11.73 -13.01
CA GLY A 78 -11.63 -10.59 -13.89
C GLY A 78 -10.17 -10.21 -13.88
N GLY A 79 -9.84 -9.06 -14.46
CA GLY A 79 -8.44 -8.71 -14.54
C GLY A 79 -8.02 -7.81 -13.39
N LEU A 80 -8.54 -8.04 -12.19
CA LEU A 80 -8.30 -7.11 -11.07
C LEU A 80 -6.80 -6.90 -10.86
N SER A 81 -6.40 -5.66 -10.62
CA SER A 81 -4.99 -5.32 -10.69
C SER A 81 -4.51 -4.54 -9.48
N ARG A 82 -5.40 -4.31 -8.51
CA ARG A 82 -5.01 -3.59 -7.32
C ARG A 82 -5.73 -4.17 -6.13
N PHE A 83 -5.11 -4.13 -4.95
CA PHE A 83 -5.83 -4.54 -3.75
C PHE A 83 -5.37 -3.76 -2.53
N ARG A 84 -6.24 -3.72 -1.53
CA ARG A 84 -5.89 -3.12 -0.25
C ARG A 84 -6.24 -4.12 0.82
N VAL A 85 -5.31 -4.32 1.74
CA VAL A 85 -5.58 -5.14 2.91
C VAL A 85 -6.10 -4.23 4.02
N VAL A 86 -7.30 -4.51 4.47
CA VAL A 86 -7.99 -3.66 5.43
C VAL A 86 -8.48 -4.45 6.66
N ASP A 87 -8.86 -3.75 7.71
CA ASP A 87 -9.47 -4.40 8.86
C ASP A 87 -10.77 -5.09 8.45
N ASP A 88 -11.15 -6.13 9.19
CA ASP A 88 -12.35 -6.89 8.84
C ASP A 88 -13.63 -6.06 8.80
N ASP A 89 -13.67 -4.97 9.57
CA ASP A 89 -14.88 -4.18 9.66
C ASP A 89 -14.79 -2.90 8.82
N THR A 90 -13.74 -2.80 8.02
CA THR A 90 -13.65 -1.76 7.01
C THR A 90 -14.58 -2.11 5.86
N ARG A 91 -15.25 -1.09 5.33
CA ARG A 91 -16.33 -1.29 4.35
C ARG A 91 -15.97 -0.88 2.94
N ALA A 92 -16.25 -1.75 1.99
CA ALA A 92 -16.24 -1.36 0.59
C ALA A 92 -17.55 -0.68 0.26
N ILE A 93 -17.46 0.57 -0.17
CA ILE A 93 -18.63 1.32 -0.59
C ILE A 93 -18.82 1.09 -2.08
N SER A 94 -20.02 0.61 -2.43
CA SER A 94 -20.33 0.27 -3.82
C SER A 94 -21.70 0.79 -4.28
N PHE A 95 -21.76 1.18 -5.55
CA PHE A 95 -22.97 1.68 -6.21
C PHE A 95 -23.39 0.80 -7.38
N LEU A 96 -24.70 0.68 -7.60
CA LEU A 96 -25.23 0.15 -8.86
C LEU A 96 -26.20 1.21 -9.43
N PHE A 97 -26.00 1.58 -10.69
CA PHE A 97 -26.73 2.70 -11.30
C PHE A 97 -27.88 2.22 -12.17
N LYS A 98 -29.08 2.64 -11.79
CA LYS A 98 -30.30 2.27 -12.49
C LYS A 98 -31.00 3.49 -13.03
N ASP A 99 -31.88 3.26 -13.99
CA ASP A 99 -32.62 4.31 -14.66
C ASP A 99 -34.09 3.91 -14.73
N ALA A 100 -34.95 4.72 -14.11
CA ALA A 100 -36.37 4.42 -14.08
C ALA A 100 -37.16 5.26 -15.08
N THR A 101 -36.45 6.01 -15.91
CA THR A 101 -37.10 6.96 -16.83
C THR A 101 -37.34 6.41 -18.24
N GLY A 102 -37.05 5.14 -18.45
CA GLY A 102 -37.36 4.49 -19.72
C GLY A 102 -36.27 4.49 -20.76
N GLY A 103 -35.04 4.79 -20.34
CA GLY A 103 -33.93 4.86 -21.27
C GLY A 103 -33.37 3.51 -21.70
N ALA A 104 -32.56 3.53 -22.75
CA ALA A 104 -31.86 2.35 -23.22
C ALA A 104 -30.76 1.96 -22.24
N ASP A 105 -30.32 0.71 -22.31
CA ASP A 105 -29.14 0.31 -21.54
C ASP A 105 -27.97 1.23 -21.83
N LYS A 106 -27.32 1.67 -20.76
CA LYS A 106 -26.15 2.54 -20.81
C LYS A 106 -26.45 3.91 -21.41
N GLN A 107 -27.72 4.29 -21.44
CA GLN A 107 -28.05 5.62 -21.97
C GLN A 107 -27.51 6.71 -21.03
N TYR A 108 -27.48 6.44 -19.74
CA TYR A 108 -27.01 7.42 -18.76
C TYR A 108 -25.77 6.93 -18.08
N SER A 109 -24.88 7.86 -17.73
CA SER A 109 -23.71 7.52 -16.94
C SER A 109 -23.71 8.30 -15.65
N LEU A 110 -23.18 7.64 -14.61
CA LEU A 110 -22.92 8.23 -13.33
C LEU A 110 -21.42 8.14 -13.09
N LYS A 111 -20.74 9.28 -13.19
CA LYS A 111 -19.32 9.37 -12.92
C LYS A 111 -19.12 9.74 -11.46
N VAL A 112 -18.29 8.96 -10.77
CA VAL A 112 -18.05 9.17 -9.35
C VAL A 112 -16.56 9.37 -9.17
N ASP A 113 -16.15 10.58 -8.78
CA ASP A 113 -14.73 10.89 -8.74
C ASP A 113 -14.10 10.49 -7.41
N ALA A 114 -14.05 9.18 -7.15
CA ALA A 114 -13.53 8.68 -5.90
C ALA A 114 -12.02 8.86 -5.82
N ARG A 115 -11.56 9.62 -4.83
CA ARG A 115 -10.16 9.96 -4.81
C ARG A 115 -9.31 8.83 -4.22
N ASP A 116 -9.92 7.94 -3.45
CA ASP A 116 -9.17 6.84 -2.86
C ASP A 116 -9.04 5.67 -3.84
N VAL A 117 -10.16 5.21 -4.41
CA VAL A 117 -10.11 4.04 -5.27
C VAL A 117 -9.99 4.39 -6.77
N GLY A 118 -10.19 5.65 -7.11
CA GLY A 118 -10.08 6.07 -8.49
C GLY A 118 -11.44 6.33 -9.11
N THR A 119 -11.46 7.15 -10.16
CA THR A 119 -12.70 7.48 -10.87
C THR A 119 -13.44 6.24 -11.36
N VAL A 120 -14.75 6.23 -11.15
CA VAL A 120 -15.61 5.15 -11.64
C VAL A 120 -16.67 5.73 -12.56
N MET A 121 -16.90 5.07 -13.68
CA MET A 121 -17.97 5.39 -14.60
C MET A 121 -18.98 4.27 -14.59
N LEU A 122 -20.15 4.52 -14.01
CA LEU A 122 -21.23 3.53 -13.98
C LEU A 122 -22.23 3.83 -15.06
N TYR A 123 -22.72 2.80 -15.73
CA TYR A 123 -23.73 2.99 -16.77
C TYR A 123 -25.07 2.44 -16.32
N SER A 124 -26.14 3.07 -16.77
CA SER A 124 -27.47 2.73 -16.29
C SER A 124 -27.96 1.40 -16.84
N ASN A 125 -28.60 0.62 -15.97
CA ASN A 125 -29.25 -0.62 -16.39
C ASN A 125 -28.31 -1.49 -17.21
N ASP A 126 -27.07 -1.62 -16.71
CA ASP A 126 -25.97 -2.22 -17.45
C ASP A 126 -25.59 -3.58 -16.86
N GLY A 127 -26.54 -4.20 -16.18
CA GLY A 127 -26.29 -5.49 -15.57
C GLY A 127 -26.30 -5.38 -14.07
N ASP A 128 -25.61 -6.30 -13.41
CA ASP A 128 -25.70 -6.42 -11.96
C ASP A 128 -24.40 -6.18 -11.21
N GLU A 129 -23.33 -5.85 -11.91
CA GLU A 129 -22.04 -5.66 -11.24
C GLU A 129 -21.98 -4.29 -10.57
N TYR A 130 -21.81 -4.28 -9.26
CA TYR A 130 -21.61 -3.04 -8.53
C TYR A 130 -20.25 -2.44 -8.83
N GLY A 131 -20.13 -1.13 -8.67
CA GLY A 131 -18.84 -0.49 -8.78
C GLY A 131 -18.34 -0.01 -7.42
N LEU A 132 -17.07 -0.24 -7.17
CA LEU A 132 -16.43 0.19 -5.94
C LEU A 132 -16.18 1.70 -6.02
N VAL A 133 -16.80 2.47 -5.12
CA VAL A 133 -16.69 3.93 -5.17
C VAL A 133 -16.08 4.51 -3.89
N GLY A 134 -15.69 3.65 -2.96
CA GLY A 134 -14.95 4.17 -1.81
C GLY A 134 -14.59 3.07 -0.83
N ILE A 135 -13.69 3.36 0.10
CA ILE A 135 -13.37 2.42 1.18
C ILE A 135 -13.42 3.21 2.47
N MET A 136 -14.20 2.75 3.44
CA MET A 136 -14.34 3.49 4.69
C MET A 136 -14.14 2.59 5.88
N PRO A 137 -13.11 2.88 6.67
CA PRO A 137 -12.89 2.14 7.93
C PRO A 137 -14.03 2.39 8.91
N GLU A 138 -14.22 1.46 9.83
CA GLU A 138 -15.23 1.62 10.87
C GLU A 138 -14.94 2.92 11.62
N GLY A 139 -15.97 3.75 11.76
CA GLY A 139 -15.83 5.04 12.42
C GLY A 139 -14.89 5.97 11.66
N GLY A 140 -14.80 5.77 10.35
CA GLY A 140 -13.88 6.54 9.53
C GLY A 140 -14.32 7.97 9.36
N PRO A 141 -13.43 8.81 8.82
CA PRO A 141 -13.84 10.19 8.54
C PRO A 141 -14.87 10.23 7.42
N PRO A 142 -15.76 11.23 7.44
CA PRO A 142 -16.76 11.40 6.36
C PRO A 142 -16.09 11.84 5.09
N VAL A 143 -16.74 11.60 3.95
CA VAL A 143 -16.11 11.83 2.67
C VAL A 143 -17.10 12.47 1.72
N THR A 144 -16.67 13.48 0.96
CA THR A 144 -17.49 14.01 -0.12
C THR A 144 -16.85 13.67 -1.45
N THR A 145 -17.64 13.13 -2.37
CA THR A 145 -17.15 12.69 -3.67
C THR A 145 -17.99 13.28 -4.78
N ALA A 146 -17.34 13.90 -5.75
CA ALA A 146 -18.09 14.57 -6.83
C ALA A 146 -18.79 13.55 -7.71
N VAL A 147 -20.00 13.88 -8.15
CA VAL A 147 -20.71 13.01 -9.09
C VAL A 147 -21.26 13.79 -10.28
N TYR A 148 -21.38 13.09 -11.41
CA TYR A 148 -21.82 13.73 -12.67
C TYR A 148 -22.74 12.77 -13.38
N VAL A 149 -23.94 13.24 -13.71
CA VAL A 149 -24.94 12.41 -14.38
C VAL A 149 -25.14 12.94 -15.78
N ARG A 150 -24.85 12.08 -16.76
CA ARG A 150 -24.87 12.50 -18.15
C ARG A 150 -25.74 11.60 -19.01
N ASP A 151 -26.42 12.17 -19.98
CA ASP A 151 -27.07 11.37 -21.03
C ASP A 151 -26.00 11.12 -22.09
N GLU A 152 -25.59 9.87 -22.23
CA GLU A 152 -24.46 9.52 -23.09
C GLU A 152 -24.79 9.61 -24.58
N HIS A 153 -26.07 9.48 -24.91
CA HIS A 153 -26.50 9.59 -26.30
C HIS A 153 -26.38 11.04 -26.73
N SER A 154 -27.07 11.92 -26.02
CA SER A 154 -27.12 13.33 -26.38
C SER A 154 -25.85 14.08 -25.96
N GLY A 155 -25.22 13.63 -24.88
CA GLY A 155 -24.02 14.27 -24.36
C GLY A 155 -24.33 15.26 -23.26
N VAL A 156 -25.61 15.52 -23.07
CA VAL A 156 -26.10 16.52 -22.13
C VAL A 156 -26.04 16.08 -20.68
N TYR A 157 -25.51 16.94 -19.82
CA TYR A 157 -25.47 16.64 -18.39
C TYR A 157 -26.83 16.87 -17.74
N ILE A 158 -27.30 15.84 -17.04
CA ILE A 158 -28.55 15.92 -16.33
C ILE A 158 -28.29 16.64 -15.03
N ALA A 159 -27.21 16.26 -14.37
CA ALA A 159 -26.94 16.88 -13.07
C ALA A 159 -25.49 16.75 -12.68
N VAL A 160 -25.03 17.70 -11.89
CA VAL A 160 -23.68 17.67 -11.38
C VAL A 160 -23.79 17.99 -9.90
N GLY A 161 -23.06 17.26 -9.07
CA GLY A 161 -23.11 17.55 -7.66
C GLY A 161 -22.13 16.68 -6.89
N SER A 162 -22.55 16.20 -5.74
CA SER A 162 -21.68 15.34 -4.95
C SER A 162 -22.49 14.46 -4.02
N VAL A 163 -21.81 13.43 -3.50
CA VAL A 163 -22.39 12.53 -2.52
C VAL A 163 -21.55 12.64 -1.26
N TYR A 164 -22.20 12.54 -0.11
CA TYR A 164 -21.54 12.63 1.18
C TYR A 164 -21.73 11.30 1.89
N PHE A 165 -20.63 10.63 2.19
CA PHE A 165 -20.64 9.38 2.96
C PHE A 165 -20.25 9.64 4.40
N GLU A 166 -20.96 9.02 5.32
CA GLU A 166 -20.56 9.13 6.72
C GLU A 166 -20.76 7.81 7.43
N TRP A 167 -19.96 7.54 8.44
CA TRP A 167 -20.15 6.33 9.22
C TRP A 167 -21.30 6.51 10.20
N ASN A 168 -22.20 5.53 10.20
CA ASN A 168 -23.30 5.45 11.15
C ASN A 168 -22.91 4.51 12.29
N LYS A 169 -22.60 5.11 13.43
CA LYS A 169 -22.09 4.39 14.60
C LYS A 169 -23.16 3.51 15.22
N ASP A 170 -24.41 3.98 15.16
CA ASP A 170 -25.54 3.23 15.69
C ASP A 170 -25.67 1.88 15.00
N ASN A 171 -25.71 1.91 13.67
CA ASN A 171 -25.96 0.72 12.87
C ASN A 171 -24.68 0.02 12.41
N GLY A 172 -23.54 0.69 12.60
CA GLY A 172 -22.27 0.18 12.14
C GLY A 172 -22.26 0.09 10.63
N GLU A 173 -22.80 1.11 9.98
CA GLU A 173 -22.96 1.08 8.52
C GLU A 173 -22.37 2.30 7.86
N VAL A 174 -22.27 2.30 6.54
CA VAL A 174 -22.01 3.54 5.81
C VAL A 174 -23.33 4.13 5.39
N ASP A 175 -23.48 5.44 5.56
CA ASP A 175 -24.68 6.15 5.13
C ASP A 175 -24.37 7.10 3.98
N VAL A 176 -25.25 7.11 2.99
CA VAL A 176 -25.28 8.18 2.01
C VAL A 176 -26.18 9.28 2.56
N VAL A 177 -25.62 10.47 2.69
CA VAL A 177 -26.39 11.63 3.11
C VAL A 177 -26.76 12.46 1.88
N GLU A 178 -28.06 12.53 1.60
CA GLU A 178 -28.53 13.31 0.46
C GLU A 178 -28.73 14.76 0.86
N ASN A 179 -27.69 15.58 0.74
CA ASN A 179 -27.77 16.99 1.10
C ASN A 179 -28.04 17.87 -0.12
N GLU A 180 -27.78 19.17 -0.01
CA GLU A 180 -28.18 20.10 -1.07
C GLU A 180 -27.36 19.94 -2.34
N HIS A 181 -26.26 19.19 -2.29
CA HIS A 181 -25.46 18.98 -3.50
C HIS A 181 -25.76 17.64 -4.17
N TRP A 182 -26.52 16.79 -3.49
CA TRP A 182 -26.98 15.54 -4.09
C TRP A 182 -28.04 15.86 -5.14
N PRO A 183 -27.85 15.38 -6.39
CA PRO A 183 -28.78 15.67 -7.47
C PRO A 183 -30.19 15.19 -7.15
N LYS A 184 -31.18 16.08 -7.24
CA LYS A 184 -32.55 15.71 -6.91
C LYS A 184 -33.07 14.67 -7.89
N GLN A 185 -32.43 14.58 -9.06
CA GLN A 185 -32.79 13.57 -10.06
C GLN A 185 -32.45 12.15 -9.65
N LEU A 186 -31.64 11.97 -8.61
CA LEU A 186 -31.22 10.64 -8.17
C LEU A 186 -31.86 10.26 -6.85
N LYS A 187 -32.13 8.96 -6.69
CA LYS A 187 -32.54 8.41 -5.41
C LYS A 187 -31.62 7.27 -5.02
N SER A 188 -31.12 7.25 -3.79
CA SER A 188 -30.33 6.11 -3.34
C SER A 188 -31.19 5.19 -2.50
N LYS A 189 -30.93 3.89 -2.62
CA LYS A 189 -31.63 2.87 -1.85
C LYS A 189 -30.57 1.93 -1.30
N ARG A 190 -30.55 1.74 0.02
CA ARG A 190 -29.57 0.84 0.63
C ARG A 190 -29.82 -0.60 0.19
N THR A 191 -28.76 -1.30 -0.20
CA THR A 191 -28.88 -2.71 -0.56
C THR A 191 -27.94 -3.57 0.26
N GLY A 192 -27.23 -2.95 1.19
CA GLY A 192 -26.31 -3.64 2.09
C GLY A 192 -25.67 -2.70 3.08
N LYS A 193 -24.76 -3.21 3.91
CA LYS A 193 -24.13 -2.37 4.92
C LYS A 193 -23.43 -1.15 4.30
N SER A 194 -22.96 -1.29 3.07
CA SER A 194 -22.31 -0.17 2.41
C SER A 194 -22.48 -0.24 0.89
N SER A 195 -23.62 -0.76 0.44
CA SER A 195 -23.93 -0.82 -0.98
C SER A 195 -25.26 -0.13 -1.23
N PHE A 196 -25.37 0.51 -2.38
CA PHE A 196 -26.50 1.38 -2.69
C PHE A 196 -26.87 1.24 -4.16
N GLU A 197 -28.17 1.09 -4.42
CA GLU A 197 -28.69 1.24 -5.76
C GLU A 197 -29.03 2.71 -5.95
N VAL A 198 -28.40 3.34 -6.94
CA VAL A 198 -28.68 4.74 -7.20
C VAL A 198 -29.49 4.79 -8.47
N THR A 199 -30.68 5.38 -8.40
CA THR A 199 -31.63 5.33 -9.51
C THR A 199 -31.92 6.74 -10.05
N LEU A 200 -31.83 6.88 -11.38
CA LEU A 200 -32.28 8.10 -12.05
C LEU A 200 -33.80 8.11 -12.11
N VAL A 201 -34.43 9.01 -11.36
CA VAL A 201 -35.90 9.02 -11.29
C VAL A 201 -36.48 10.14 -12.15
N ASP A 202 -35.63 11.05 -12.58
CA ASP A 202 -36.06 12.18 -13.41
C ASP A 202 -34.93 12.56 -14.37
N ASN A 203 -35.22 12.63 -15.66
CA ASN A 203 -34.16 12.91 -16.62
C ASN A 203 -34.19 14.35 -17.13
N LYS A 204 -34.97 15.20 -16.48
CA LYS A 204 -34.94 16.63 -16.75
C LYS A 204 -33.73 17.29 -16.08
N PRO A 205 -32.88 17.96 -16.87
CA PRO A 205 -31.68 18.61 -16.36
C PRO A 205 -32.01 19.66 -15.33
N SER A 206 -31.05 19.89 -14.44
CA SER A 206 -31.17 20.91 -13.41
C SER A 206 -31.47 22.28 -14.02
N PRO B 3 4.06 24.63 0.75
CA PRO B 3 2.70 24.10 0.91
C PRO B 3 2.41 23.68 2.35
N SER B 4 1.20 23.95 2.82
CA SER B 4 0.80 23.63 4.19
C SER B 4 -0.19 22.46 4.21
N VAL B 5 0.20 21.35 4.82
CA VAL B 5 -0.65 20.16 4.81
C VAL B 5 -0.97 19.66 6.23
N ASP B 6 -2.06 18.92 6.36
CA ASP B 6 -2.42 18.24 7.60
C ASP B 6 -1.22 17.47 8.13
N PRO B 7 -0.90 17.64 9.42
CA PRO B 7 0.33 17.10 10.03
C PRO B 7 0.48 15.56 9.97
N THR B 8 -0.61 14.85 9.76
CA THR B 8 -0.59 13.38 9.70
C THR B 8 -0.74 12.88 8.27
N LYS B 9 -0.65 13.78 7.29
CA LYS B 9 -0.78 13.40 5.91
C LYS B 9 0.45 13.77 5.11
N VAL B 10 0.56 13.15 3.94
CA VAL B 10 1.47 13.57 2.89
C VAL B 10 0.68 13.65 1.60
N ILE B 11 1.11 14.52 0.70
CA ILE B 11 0.43 14.67 -0.59
C ILE B 11 1.46 14.55 -1.71
N PHE B 12 1.23 13.59 -2.60
CA PHE B 12 2.12 13.39 -3.73
C PHE B 12 1.55 14.12 -4.93
N TYR B 13 2.40 14.79 -5.69
CA TYR B 13 1.95 15.55 -6.86
C TYR B 13 2.58 15.05 -8.13
N GLN B 14 1.78 15.13 -9.19
CA GLN B 14 2.15 14.70 -10.52
C GLN B 14 3.26 15.56 -11.11
N LYS B 15 3.27 16.84 -10.76
CA LYS B 15 4.29 17.74 -11.26
C LYS B 15 5.28 18.14 -10.16
N LYS B 16 6.41 18.70 -10.56
CA LYS B 16 7.37 19.24 -9.60
C LYS B 16 6.80 20.48 -8.93
N ASN B 17 7.41 20.85 -7.80
CA ASN B 17 7.06 22.06 -7.06
C ASN B 17 5.59 22.09 -6.64
N PHE B 18 5.05 20.91 -6.35
CA PHE B 18 3.73 20.76 -5.73
C PHE B 18 2.61 21.33 -6.59
N GLU B 19 2.79 21.25 -7.91
CA GLU B 19 1.76 21.76 -8.83
C GLU B 19 0.89 20.62 -9.33
N GLY B 20 -0.32 20.97 -9.77
CA GLY B 20 -1.23 20.00 -10.36
C GLY B 20 -1.97 19.17 -9.33
N SER B 21 -2.51 18.03 -9.78
CA SER B 21 -3.33 17.18 -8.93
C SER B 21 -2.49 16.44 -7.88
N GLY B 22 -3.00 16.44 -6.65
CA GLY B 22 -2.32 15.77 -5.56
C GLY B 22 -3.12 14.59 -5.01
N ASP B 23 -2.40 13.52 -4.69
CA ASP B 23 -2.97 12.36 -4.03
C ASP B 23 -2.57 12.37 -2.56
N THR B 24 -3.57 12.38 -1.68
CA THR B 24 -3.32 12.36 -0.24
C THR B 24 -3.18 10.96 0.35
N TYR B 25 -2.16 10.77 1.18
CA TYR B 25 -1.94 9.53 1.93
C TYR B 25 -1.76 9.80 3.41
N ALA B 26 -2.21 8.86 4.23
CA ALA B 26 -2.17 9.03 5.67
C ALA B 26 -1.14 8.11 6.33
N VAL B 27 -0.65 8.52 7.49
CA VAL B 27 0.22 7.68 8.31
C VAL B 27 -0.42 6.30 8.43
N GLY B 28 0.38 5.26 8.20
CA GLY B 28 -0.13 3.89 8.29
C GLY B 28 -0.31 3.25 6.93
N GLN B 29 -0.41 4.07 5.89
CA GLN B 29 -0.54 3.52 4.54
C GLN B 29 0.80 3.08 3.98
N ASP B 30 0.79 1.93 3.34
CA ASP B 30 1.99 1.34 2.76
C ASP B 30 1.60 0.99 1.32
N VAL B 31 2.22 1.67 0.37
CA VAL B 31 1.77 1.64 -1.01
C VAL B 31 2.82 1.10 -1.95
N SER B 32 2.45 0.10 -2.75
CA SER B 32 3.31 -0.43 -3.79
C SER B 32 2.72 -0.18 -5.17
N VAL B 33 3.54 0.30 -6.09
CA VAL B 33 3.07 0.70 -7.41
C VAL B 33 3.68 -0.24 -8.46
N PRO B 34 3.04 -0.34 -9.65
CA PRO B 34 3.49 -1.29 -10.67
C PRO B 34 4.91 -1.06 -11.19
N GLY B 35 5.29 0.19 -11.37
CA GLY B 35 6.58 0.52 -11.96
C GLY B 35 7.50 1.24 -10.99
N SER B 36 7.66 2.55 -11.18
CA SER B 36 8.34 3.36 -10.18
C SER B 36 7.39 4.44 -9.69
N LEU B 37 7.68 5.01 -8.52
CA LEU B 37 6.84 6.08 -7.99
C LEU B 37 6.73 7.26 -8.95
N ASN B 38 7.77 7.48 -9.75
CA ASN B 38 7.82 8.60 -10.68
C ASN B 38 6.93 8.47 -11.92
N ASP B 39 6.26 7.33 -12.08
CA ASP B 39 5.29 7.19 -13.15
C ASP B 39 4.08 8.05 -12.87
N LYS B 40 3.88 8.38 -11.59
CA LYS B 40 2.77 9.22 -11.20
C LYS B 40 3.23 10.50 -10.52
N TYR B 41 4.34 10.47 -9.78
CA TYR B 41 4.65 11.57 -8.85
C TYR B 41 6.02 12.20 -9.03
N PHE B 42 6.06 13.54 -9.00
CA PHE B 42 7.30 14.26 -9.14
C PHE B 42 7.60 15.16 -7.93
N SER B 43 6.64 15.34 -7.03
CA SER B 43 7.01 16.04 -5.78
C SER B 43 6.13 15.58 -4.64
N VAL B 44 6.50 15.90 -3.41
CA VAL B 44 5.73 15.41 -2.27
C VAL B 44 5.76 16.42 -1.13
N ALA B 45 4.58 16.75 -0.62
CA ALA B 45 4.46 17.64 0.53
C ALA B 45 4.28 16.76 1.77
N VAL B 46 4.96 17.11 2.85
CA VAL B 46 4.95 16.27 4.03
C VAL B 46 4.45 17.02 5.25
N GLY B 47 3.43 16.47 5.92
CA GLY B 47 2.90 17.05 7.14
C GLY B 47 3.86 16.96 8.30
N ALA B 48 3.67 17.83 9.31
CA ALA B 48 4.67 17.99 10.37
C ALA B 48 4.88 16.78 11.28
N SER B 49 3.88 15.91 11.37
CA SER B 49 3.95 14.72 12.22
C SER B 49 4.09 13.47 11.38
N ALA B 50 4.41 13.65 10.10
CA ALA B 50 4.51 12.53 9.18
C ALA B 50 5.88 12.48 8.52
N LYS B 51 6.13 11.39 7.82
CA LYS B 51 7.40 11.13 7.17
C LYS B 51 7.18 10.04 6.15
N VAL B 52 7.94 10.06 5.06
CA VAL B 52 7.81 8.97 4.07
C VAL B 52 9.09 8.18 4.01
N ILE B 53 8.96 6.85 4.04
CA ILE B 53 10.10 5.99 3.76
C ILE B 53 9.80 5.30 2.44
N ALA B 54 10.64 5.48 1.44
CA ALA B 54 10.39 4.94 0.11
C ALA B 54 11.50 3.96 -0.26
N TRP B 55 11.17 2.85 -0.91
CA TRP B 55 12.22 1.90 -1.27
C TRP B 55 11.85 1.06 -2.49
N GLN B 56 12.74 0.13 -2.80
CA GLN B 56 12.60 -0.69 -3.99
C GLN B 56 12.21 -2.12 -3.64
N HIS B 57 10.99 -2.51 -3.99
CA HIS B 57 10.54 -3.85 -3.61
C HIS B 57 10.58 -4.82 -4.78
N TYR B 58 11.14 -4.40 -5.91
CA TYR B 58 11.29 -5.29 -7.06
C TYR B 58 12.66 -5.97 -7.08
N ASN B 59 13.62 -5.38 -6.37
CA ASN B 59 14.91 -6.04 -6.23
C ASN B 59 15.29 -6.14 -4.76
N GLU B 60 16.47 -6.69 -4.48
CA GLU B 60 16.93 -6.92 -3.12
C GLU B 60 18.06 -5.96 -2.75
N THR B 61 18.13 -4.82 -3.42
CA THR B 61 19.21 -3.87 -3.13
C THR B 61 19.06 -3.18 -1.80
N GLY B 62 17.82 -2.98 -1.38
CA GLY B 62 17.51 -2.24 -0.17
C GLY B 62 17.62 -0.73 -0.34
N HIS B 63 17.79 -0.26 -1.57
CA HIS B 63 17.93 1.17 -1.82
C HIS B 63 16.68 1.91 -1.35
N TYR B 64 16.88 3.06 -0.71
CA TYR B 64 15.75 3.75 -0.11
C TYR B 64 16.03 5.22 0.01
N ARG B 65 14.95 6.00 0.17
CA ARG B 65 15.05 7.41 0.53
C ARG B 65 14.08 7.70 1.67
N GLU B 66 14.41 8.70 2.49
CA GLU B 66 13.45 9.18 3.48
C GLU B 66 13.13 10.62 3.17
N TRP B 67 11.85 10.95 3.16
CA TRP B 67 11.43 12.35 2.97
C TRP B 67 10.78 12.82 4.26
N THR B 68 11.48 13.68 4.99
CA THR B 68 11.03 14.09 6.31
C THR B 68 10.41 15.48 6.21
N THR B 69 10.63 16.14 5.08
CA THR B 69 10.01 17.42 4.80
C THR B 69 9.62 17.48 3.33
N SER B 70 8.79 18.45 2.97
CA SER B 70 8.29 18.57 1.60
C SER B 70 9.45 18.71 0.62
N GLN B 71 9.41 17.92 -0.45
CA GLN B 71 10.45 17.92 -1.47
C GLN B 71 9.86 18.35 -2.80
N ALA B 72 10.42 19.42 -3.38
CA ALA B 72 9.88 20.00 -4.60
C ALA B 72 10.23 19.17 -5.84
N ASP B 73 11.18 18.25 -5.71
CA ASP B 73 11.59 17.41 -6.83
C ASP B 73 12.05 16.05 -6.35
N ILE B 74 11.26 15.02 -6.64
CA ILE B 74 11.65 13.63 -6.34
C ILE B 74 11.72 12.80 -7.62
N SER B 75 11.99 13.47 -8.74
CA SER B 75 12.02 12.79 -10.04
C SER B 75 13.26 11.93 -10.27
N ASP B 76 14.27 12.07 -9.41
CA ASP B 76 15.53 11.37 -9.59
C ASP B 76 15.91 10.62 -8.32
N ILE B 77 15.26 9.49 -8.06
CA ILE B 77 15.42 8.80 -6.79
C ILE B 77 15.72 7.33 -6.94
N GLY B 78 16.05 6.92 -8.16
CA GLY B 78 16.43 5.52 -8.38
C GLY B 78 15.25 4.59 -8.62
N GLY B 79 14.13 5.15 -9.04
CA GLY B 79 13.00 4.34 -9.46
C GLY B 79 12.39 3.50 -8.35
N LEU B 80 12.36 4.05 -7.14
CA LEU B 80 11.70 3.44 -5.99
C LEU B 80 10.25 3.12 -6.32
N SER B 81 9.72 2.03 -5.74
CA SER B 81 8.39 1.54 -6.12
C SER B 81 7.44 1.31 -4.95
N ARG B 82 7.92 1.46 -3.73
CA ARG B 82 7.07 1.29 -2.56
C ARG B 82 7.31 2.40 -1.57
N PHE B 83 6.29 2.83 -0.85
CA PHE B 83 6.55 3.77 0.25
C PHE B 83 5.63 3.49 1.40
N ARG B 84 6.05 3.91 2.59
CA ARG B 84 5.20 3.84 3.75
C ARG B 84 5.19 5.21 4.43
N VAL B 85 3.99 5.67 4.77
CA VAL B 85 3.82 6.93 5.48
C VAL B 85 3.82 6.57 6.96
N VAL B 86 4.75 7.16 7.69
CA VAL B 86 4.96 6.83 9.08
C VAL B 86 4.98 8.07 9.95
N ASP B 87 4.91 7.87 11.26
CA ASP B 87 5.06 8.98 12.21
C ASP B 87 6.45 9.56 12.08
N ASP B 88 6.60 10.83 12.47
CA ASP B 88 7.87 11.50 12.24
C ASP B 88 9.00 10.90 13.05
N ASP B 89 8.69 10.19 14.13
CA ASP B 89 9.75 9.57 14.93
C ASP B 89 9.90 8.07 14.68
N THR B 90 9.21 7.56 13.68
CA THR B 90 9.41 6.18 13.25
C THR B 90 10.72 6.11 12.49
N ARG B 91 11.50 5.05 12.72
CA ARG B 91 12.85 5.01 12.16
C ARG B 91 13.04 3.96 11.09
N ALA B 92 13.76 4.35 10.04
CA ALA B 92 14.21 3.45 9.01
C ALA B 92 15.50 2.80 9.46
N ILE B 93 15.49 1.48 9.62
CA ILE B 93 16.69 0.75 10.00
C ILE B 93 17.49 0.39 8.76
N SER B 94 18.77 0.79 8.75
CA SER B 94 19.60 0.55 7.56
C SER B 94 21.00 0.02 7.90
N PHE B 95 21.53 -0.78 6.98
CA PHE B 95 22.83 -1.43 7.09
C PHE B 95 23.73 -1.07 5.92
N LEU B 96 25.03 -0.98 6.16
CA LEU B 96 26.04 -0.92 5.11
C LEU B 96 27.04 -2.02 5.44
N PHE B 97 27.28 -2.91 4.48
CA PHE B 97 28.12 -4.09 4.71
C PHE B 97 29.56 -3.84 4.24
N LYS B 98 30.48 -3.99 5.18
CA LYS B 98 31.89 -3.79 4.93
C LYS B 98 32.66 -5.09 5.21
N ASP B 99 33.87 -5.20 4.67
CA ASP B 99 34.73 -6.35 4.88
C ASP B 99 36.11 -5.86 5.26
N ALA B 100 36.60 -6.29 6.42
CA ALA B 100 37.91 -5.83 6.90
C ALA B 100 39.00 -6.87 6.64
N THR B 101 38.62 -7.98 6.01
CA THR B 101 39.50 -9.14 5.91
C THR B 101 40.35 -9.16 4.63
N GLY B 102 40.27 -8.09 3.85
CA GLY B 102 41.10 -7.97 2.67
C GLY B 102 40.50 -8.48 1.37
N GLY B 103 39.20 -8.74 1.36
CA GLY B 103 38.55 -9.25 0.16
C GLY B 103 38.37 -8.21 -0.95
N ALA B 104 38.02 -8.69 -2.14
CA ALA B 104 37.65 -7.79 -3.25
C ALA B 104 36.29 -7.17 -3.01
N ASP B 105 35.97 -6.07 -3.68
CA ASP B 105 34.62 -5.53 -3.60
C ASP B 105 33.62 -6.60 -4.00
N LYS B 106 32.56 -6.70 -3.21
CA LYS B 106 31.45 -7.65 -3.41
C LYS B 106 31.82 -9.12 -3.25
N GLN B 107 32.97 -9.40 -2.63
CA GLN B 107 33.38 -10.80 -2.42
C GLN B 107 32.47 -11.50 -1.42
N TYR B 108 31.93 -10.74 -0.48
CA TYR B 108 31.01 -11.30 0.51
C TYR B 108 29.63 -10.71 0.38
N SER B 109 28.61 -11.46 0.81
CA SER B 109 27.28 -10.89 0.84
C SER B 109 26.64 -11.14 2.19
N LEU B 110 25.74 -10.21 2.54
CA LEU B 110 24.95 -10.27 3.75
C LEU B 110 23.49 -10.26 3.32
N LYS B 111 22.82 -11.39 3.49
CA LYS B 111 21.41 -11.49 3.17
C LYS B 111 20.62 -11.28 4.45
N VAL B 112 19.70 -10.32 4.42
CA VAL B 112 18.89 -10.00 5.58
C VAL B 112 17.45 -10.29 5.21
N ASP B 113 16.86 -11.29 5.86
CA ASP B 113 15.50 -11.74 5.51
C ASP B 113 14.44 -10.88 6.22
N ALA B 114 14.48 -9.58 5.93
CA ALA B 114 13.57 -8.63 6.53
C ALA B 114 12.15 -8.85 6.03
N ARG B 115 11.24 -9.17 6.93
CA ARG B 115 9.90 -9.53 6.49
C ARG B 115 8.99 -8.33 6.26
N ASP B 116 9.27 -7.20 6.91
CA ASP B 116 8.42 -6.03 6.73
C ASP B 116 8.75 -5.29 5.45
N VAL B 117 10.02 -5.19 5.11
CA VAL B 117 10.39 -4.41 3.93
C VAL B 117 10.83 -5.26 2.75
N GLY B 118 11.03 -6.56 2.98
CA GLY B 118 11.52 -7.43 1.92
C GLY B 118 12.97 -7.81 2.09
N THR B 119 13.33 -8.97 1.57
CA THR B 119 14.71 -9.47 1.62
C THR B 119 15.67 -8.46 1.02
N VAL B 120 16.80 -8.26 1.68
CA VAL B 120 17.85 -7.39 1.18
C VAL B 120 19.14 -8.19 1.05
N MET B 121 19.83 -7.99 -0.06
CA MET B 121 21.11 -8.61 -0.30
C MET B 121 22.17 -7.53 -0.41
N LEU B 122 22.99 -7.40 0.64
CA LEU B 122 24.06 -6.40 0.67
C LEU B 122 25.41 -7.01 0.30
N TYR B 123 26.21 -6.28 -0.46
CA TYR B 123 27.51 -6.77 -0.88
C TYR B 123 28.60 -5.99 -0.17
N SER B 124 29.71 -6.66 0.11
CA SER B 124 30.77 -6.06 0.92
C SER B 124 31.57 -5.00 0.15
N ASN B 125 31.82 -3.88 0.82
CA ASN B 125 32.69 -2.83 0.27
C ASN B 125 32.20 -2.38 -1.11
N ASP B 126 30.88 -2.24 -1.23
CA ASP B 126 30.24 -2.00 -2.51
C ASP B 126 29.57 -0.63 -2.51
N GLY B 127 30.40 0.42 -2.52
CA GLY B 127 29.89 1.77 -2.53
C GLY B 127 29.45 2.25 -1.15
N ASP B 128 28.60 3.27 -1.12
CA ASP B 128 28.17 3.81 0.16
C ASP B 128 26.66 3.81 0.35
N GLU B 129 25.93 3.13 -0.53
CA GLU B 129 24.48 3.07 -0.39
C GLU B 129 24.09 2.09 0.71
N TYR B 130 23.43 2.60 1.75
CA TYR B 130 22.86 1.74 2.78
C TYR B 130 21.64 1.00 2.26
N GLY B 131 21.33 -0.12 2.89
CA GLY B 131 20.15 -0.86 2.52
C GLY B 131 19.16 -0.83 3.66
N LEU B 132 17.90 -0.60 3.32
CA LEU B 132 16.82 -0.58 4.29
C LEU B 132 16.49 -2.01 4.76
N VAL B 133 16.61 -2.27 6.06
CA VAL B 133 16.41 -3.65 6.54
C VAL B 133 15.31 -3.73 7.58
N GLY B 134 14.73 -2.58 7.92
CA GLY B 134 13.55 -2.62 8.78
C GLY B 134 12.93 -1.25 8.96
N ILE B 135 11.72 -1.23 9.51
CA ILE B 135 11.07 0.00 9.92
C ILE B 135 10.54 -0.21 11.34
N MET B 136 10.92 0.67 12.26
CA MET B 136 10.49 0.49 13.65
C MET B 136 9.89 1.77 14.22
N PRO B 137 8.61 1.73 14.59
CA PRO B 137 7.98 2.87 15.25
C PRO B 137 8.58 3.09 16.63
N GLU B 138 8.50 4.32 17.11
CA GLU B 138 8.93 4.64 18.46
C GLU B 138 8.27 3.66 19.45
N GLY B 139 9.07 3.07 20.33
CA GLY B 139 8.56 2.10 21.29
C GLY B 139 7.94 0.85 20.67
N GLY B 140 8.29 0.57 19.41
CA GLY B 140 7.75 -0.58 18.72
C GLY B 140 8.22 -1.90 19.30
N PRO B 141 7.63 -3.02 18.86
CA PRO B 141 8.05 -4.33 19.38
C PRO B 141 9.41 -4.72 18.83
N PRO B 142 10.16 -5.55 19.57
CA PRO B 142 11.46 -6.01 19.06
C PRO B 142 11.30 -6.94 17.88
N VAL B 143 12.34 -7.11 17.09
CA VAL B 143 12.22 -8.00 15.93
C VAL B 143 13.51 -8.77 15.72
N THR B 144 13.37 -10.06 15.41
CA THR B 144 14.52 -10.87 15.04
C THR B 144 14.46 -11.17 13.55
N THR B 145 15.55 -10.87 12.85
CA THR B 145 15.64 -11.10 11.42
C THR B 145 16.81 -12.04 11.09
N ALA B 146 16.54 -13.05 10.26
CA ALA B 146 17.58 -14.00 9.84
C ALA B 146 18.64 -13.30 9.00
N VAL B 147 19.90 -13.62 9.23
CA VAL B 147 20.98 -13.11 8.38
C VAL B 147 21.87 -14.24 7.89
N TYR B 148 22.40 -14.09 6.69
CA TYR B 148 23.24 -15.10 6.07
C TYR B 148 24.47 -14.40 5.54
N VAL B 149 25.64 -14.82 5.99
CA VAL B 149 26.91 -14.28 5.49
C VAL B 149 27.53 -15.30 4.55
N ARG B 150 27.77 -14.89 3.30
CA ARG B 150 28.23 -15.79 2.23
C ARG B 150 29.49 -15.30 1.52
N ASP B 151 30.40 -16.22 1.20
CA ASP B 151 31.50 -15.92 0.30
C ASP B 151 30.99 -16.11 -1.12
N GLU B 152 30.88 -15.01 -1.86
CA GLU B 152 30.32 -15.04 -3.21
C GLU B 152 31.28 -15.67 -4.21
N HIS B 153 32.58 -15.57 -3.94
CA HIS B 153 33.55 -16.20 -4.83
C HIS B 153 33.49 -17.73 -4.74
N SER B 154 33.50 -18.26 -3.52
CA SER B 154 33.54 -19.70 -3.32
C SER B 154 32.15 -20.33 -3.20
N GLY B 155 31.13 -19.48 -3.00
CA GLY B 155 29.75 -19.92 -2.95
C GLY B 155 29.35 -20.61 -1.65
N VAL B 156 30.10 -20.34 -0.59
CA VAL B 156 29.93 -21.03 0.68
C VAL B 156 29.43 -20.06 1.75
N TYR B 157 28.56 -20.52 2.64
CA TYR B 157 28.14 -19.69 3.77
C TYR B 157 29.23 -19.65 4.83
N ILE B 158 29.55 -18.43 5.25
CA ILE B 158 30.47 -18.22 6.35
C ILE B 158 29.69 -18.31 7.64
N ALA B 159 28.46 -17.79 7.63
CA ALA B 159 27.68 -17.84 8.86
C ALA B 159 26.19 -17.74 8.59
N VAL B 160 25.41 -18.37 9.45
CA VAL B 160 23.96 -18.27 9.40
C VAL B 160 23.51 -17.93 10.80
N GLY B 161 22.79 -16.82 10.94
CA GLY B 161 22.40 -16.40 12.28
C GLY B 161 21.24 -15.43 12.21
N SER B 162 21.20 -14.49 13.15
CA SER B 162 20.15 -13.51 13.16
C SER B 162 20.59 -12.21 13.83
N VAL B 163 19.83 -11.16 13.56
CA VAL B 163 20.02 -9.89 14.22
C VAL B 163 18.75 -9.54 14.99
N TYR B 164 18.94 -8.90 16.13
CA TYR B 164 17.85 -8.57 17.01
C TYR B 164 17.83 -7.06 17.16
N PHE B 165 16.74 -6.46 16.72
CA PHE B 165 16.53 -5.02 16.86
C PHE B 165 15.57 -4.71 18.00
N GLU B 166 15.89 -3.70 18.79
CA GLU B 166 14.92 -3.25 19.79
C GLU B 166 15.00 -1.75 20.01
N TRP B 167 13.88 -1.15 20.38
CA TRP B 167 13.85 0.28 20.60
C TRP B 167 14.50 0.64 21.94
N ASN B 168 15.36 1.66 21.88
CA ASN B 168 16.00 2.24 23.04
C ASN B 168 15.24 3.49 23.42
N LYS B 169 14.48 3.38 24.50
CA LYS B 169 13.60 4.43 25.02
C LYS B 169 14.39 5.57 25.63
N ASP B 170 15.52 5.25 26.23
CA ASP B 170 16.39 6.27 26.82
C ASP B 170 16.92 7.21 25.73
N ASN B 171 17.37 6.63 24.62
CA ASN B 171 18.03 7.40 23.57
C ASN B 171 17.14 7.75 22.39
N GLY B 172 15.94 7.16 22.35
CA GLY B 172 15.02 7.39 21.26
C GLY B 172 15.58 6.86 19.95
N GLU B 173 16.26 5.73 20.03
CA GLU B 173 16.87 5.19 18.80
C GLU B 173 16.74 3.68 18.71
N VAL B 174 17.20 3.08 17.62
CA VAL B 174 17.12 1.64 17.44
C VAL B 174 18.45 1.04 17.83
N ASP B 175 18.39 -0.06 18.58
CA ASP B 175 19.59 -0.78 18.97
C ASP B 175 19.68 -2.12 18.28
N VAL B 176 20.88 -2.46 17.83
CA VAL B 176 21.23 -3.83 17.49
C VAL B 176 21.73 -4.50 18.75
N VAL B 177 21.02 -5.53 19.20
CA VAL B 177 21.39 -6.19 20.43
C VAL B 177 22.18 -7.45 20.15
N GLU B 178 23.42 -7.43 20.60
CA GLU B 178 24.30 -8.59 20.57
C GLU B 178 23.62 -9.76 21.27
N ASN B 179 23.62 -10.92 20.63
CA ASN B 179 23.16 -12.12 21.30
C ASN B 179 23.85 -13.35 20.74
N GLU B 180 23.47 -14.50 21.28
CA GLU B 180 24.05 -15.78 20.92
C GLU B 180 24.00 -16.11 19.43
N HIS B 181 23.02 -15.55 18.72
CA HIS B 181 22.81 -15.94 17.34
C HIS B 181 23.34 -14.92 16.35
N TRP B 182 23.84 -13.81 16.87
CA TRP B 182 24.60 -12.85 16.05
C TRP B 182 25.91 -13.50 15.64
N PRO B 183 26.19 -13.55 14.33
CA PRO B 183 27.43 -14.17 13.84
C PRO B 183 28.67 -13.54 14.46
N LYS B 184 29.53 -14.35 15.05
CA LYS B 184 30.74 -13.85 15.70
C LYS B 184 31.72 -13.23 14.71
N GLN B 185 31.59 -13.61 13.44
CA GLN B 185 32.40 -13.03 12.37
C GLN B 185 32.04 -11.59 12.01
N LEU B 186 30.94 -11.08 12.55
CA LEU B 186 30.50 -9.70 12.27
C LEU B 186 30.60 -8.76 13.45
N LYS B 187 30.87 -7.48 13.15
CA LYS B 187 30.86 -6.43 14.14
C LYS B 187 29.93 -5.32 13.66
N SER B 188 29.04 -4.82 14.51
CA SER B 188 28.21 -3.68 14.11
C SER B 188 28.73 -2.40 14.75
N LYS B 189 28.67 -1.31 13.99
CA LYS B 189 29.07 0.02 14.46
C LYS B 189 27.94 0.98 14.14
N ARG B 190 27.45 1.69 15.15
CA ARG B 190 26.39 2.66 14.93
C ARG B 190 26.89 3.82 14.07
N THR B 191 26.12 4.19 13.06
CA THR B 191 26.45 5.35 12.25
C THR B 191 25.30 6.38 12.21
N GLY B 192 24.24 6.10 12.96
CA GLY B 192 23.10 7.00 13.05
C GLY B 192 22.07 6.48 14.03
N LYS B 193 20.96 7.19 14.18
CA LYS B 193 19.96 6.77 15.16
C LYS B 193 19.40 5.38 14.86
N SER B 194 19.42 4.99 13.59
CA SER B 194 18.98 3.65 13.24
C SER B 194 19.74 3.09 12.03
N SER B 195 21.00 3.51 11.88
CA SER B 195 21.82 3.01 10.78
C SER B 195 23.12 2.44 11.36
N PHE B 196 23.60 1.37 10.71
CA PHE B 196 24.73 0.62 11.20
C PHE B 196 25.65 0.19 10.07
N GLU B 197 26.95 0.30 10.29
CA GLU B 197 27.93 -0.37 9.45
C GLU B 197 28.15 -1.76 10.02
N VAL B 198 27.94 -2.80 9.22
CA VAL B 198 28.19 -4.16 9.68
C VAL B 198 29.43 -4.67 8.96
N THR B 199 30.43 -5.11 9.72
CA THR B 199 31.73 -5.42 9.14
C THR B 199 32.10 -6.87 9.37
N LEU B 200 32.49 -7.52 8.29
CA LEU B 200 33.08 -8.85 8.40
C LEU B 200 34.50 -8.70 8.91
N VAL B 201 34.78 -9.28 10.09
CA VAL B 201 36.09 -9.16 10.73
C VAL B 201 36.82 -10.51 10.75
N ASP B 202 36.14 -11.56 10.36
CA ASP B 202 36.72 -12.90 10.32
C ASP B 202 36.06 -13.66 9.18
N ASN B 203 36.85 -14.14 8.22
CA ASN B 203 36.24 -14.85 7.10
C ASN B 203 36.24 -16.37 7.25
N LYS B 204 36.56 -16.84 8.45
CA LYS B 204 36.53 -18.28 8.73
C LYS B 204 35.11 -18.75 9.01
N PRO B 205 34.62 -19.70 8.19
CA PRO B 205 33.28 -20.26 8.40
C PRO B 205 33.10 -20.85 9.80
N SER B 206 31.89 -20.74 10.35
CA SER B 206 31.59 -21.25 11.68
C SER B 206 31.97 -22.73 11.84
#